data_8BA2
#
_entry.id   8BA2
#
_cell.length_a   53.249
_cell.length_b   56.761
_cell.length_c   114.743
_cell.angle_alpha   90.000
_cell.angle_beta   90.000
_cell.angle_gamma   90.000
#
_symmetry.space_group_name_H-M   'P 21 21 21'
#
loop_
_entity.id
_entity.type
_entity.pdbx_description
1 polymer 'Tyrosine-protein kinase JAK2'
2 non-polymer GLYCEROL
3 non-polymer 'ACETATE ION'
4 non-polymer 6-[[(5-bromanylthiophen-2-yl)methyl-methyl-amino]methyl]-~{N}4-(4-methylphenyl)-1,3,5-triazine-2,4-diamine
5 water water
#
_entity_poly.entity_id   1
_entity_poly.type   'polypeptide(L)'
_entity_poly.pdbx_seq_one_letter_code
;VFHKIRNEDLIFNESLGQGTFTKIFKGVRREVGDYGQLHETEVLLKVLDKAHRNYSESFFEAASMMSKLSHKHLVLNYGV
CFCGDENILVQEFVKFGSLDTYLKKNKNCINILWKLEVAKQLAAAMHFLEENTLIHGNVCAKNILLIREEDRKTGNPPFI
KLSDPGISITVLPKDILQERIPWVPPECIENPKNLNLATDKWSFGTTLWEICSGGDKPLSALDSQRKLQFYEDRHQLPAP
KAAELANLINNCMDYEPDHRPSFRAIIRDLNSLFTPDLVPRGSHHHHHH
;
_entity_poly.pdbx_strand_id   A
#
# COMPACT_ATOMS: atom_id res chain seq x y z
N VAL A 1 7.21 19.33 -4.96
CA VAL A 1 6.62 20.28 -4.01
C VAL A 1 5.10 20.29 -4.17
N PHE A 2 4.40 19.86 -3.11
CA PHE A 2 2.96 19.70 -3.16
C PHE A 2 2.24 21.05 -3.15
N HIS A 3 1.01 21.04 -3.68
CA HIS A 3 0.14 22.21 -3.56
C HIS A 3 -0.20 22.45 -2.10
N LYS A 4 -0.04 23.69 -1.65
CA LYS A 4 -0.36 24.03 -0.27
C LYS A 4 -1.84 24.30 -0.14
N ILE A 5 -2.47 23.64 0.82
CA ILE A 5 -3.88 23.79 1.14
C ILE A 5 -3.97 24.47 2.50
N ARG A 6 -4.87 25.45 2.59
CA ARG A 6 -5.00 26.22 3.82
C ARG A 6 -5.86 25.46 4.81
N ASN A 7 -5.45 25.53 6.08
CA ASN A 7 -6.25 24.93 7.12
C ASN A 7 -7.70 25.38 7.02
N GLU A 8 -7.92 26.65 6.65
CA GLU A 8 -9.28 27.20 6.59
C GLU A 8 -10.15 26.45 5.59
N ASP A 9 -9.55 25.81 4.61
CA ASP A 9 -10.33 25.10 3.59
C ASP A 9 -10.46 23.60 3.90
N LEU A 10 -10.05 23.16 5.08
CA LEU A 10 -10.16 21.76 5.48
C LEU A 10 -11.18 21.65 6.59
N ILE A 11 -12.12 20.76 6.43
CA ILE A 11 -13.10 20.40 7.44
C ILE A 11 -12.88 18.95 7.83
N PHE A 12 -12.67 18.70 9.11
CA PHE A 12 -12.53 17.35 9.64
C PHE A 12 -13.87 16.85 10.13
N ASN A 13 -14.31 15.71 9.61
CA ASN A 13 -15.62 15.16 9.96
C ASN A 13 -15.61 13.87 10.74
N GLU A 14 -14.72 12.92 10.42
CA GLU A 14 -14.71 11.66 11.13
C GLU A 14 -13.28 11.23 11.44
N SER A 15 -13.08 10.67 12.65
CA SER A 15 -11.81 10.07 13.02
C SER A 15 -11.91 8.61 12.60
N LEU A 16 -11.00 8.17 11.74
CA LEU A 16 -11.11 6.86 11.17
C LEU A 16 -10.18 5.83 11.83
N GLY A 17 -9.07 6.25 12.34
CA GLY A 17 -8.10 5.33 12.94
C GLY A 17 -6.69 5.89 12.79
N GLN A 18 -5.72 4.97 12.83
CA GLN A 18 -4.32 5.36 12.82
C GLN A 18 -3.56 4.50 11.82
N GLY A 19 -2.54 5.09 11.24
CA GLY A 19 -1.50 4.35 10.59
C GLY A 19 -0.27 4.35 11.48
N THR A 20 0.90 4.18 10.87
CA THR A 20 2.16 4.15 11.58
C THR A 20 2.57 5.59 11.85
N PHE A 21 2.38 6.00 13.12
CA PHE A 21 2.66 7.36 13.58
C PHE A 21 1.84 8.40 12.83
N THR A 22 0.64 8.00 12.38
CA THR A 22 -0.28 8.92 11.72
C THR A 22 -1.68 8.75 12.29
N LYS A 23 -2.46 9.86 12.23
CA LYS A 23 -3.87 9.82 12.59
C LYS A 23 -4.67 10.14 11.32
N ILE A 24 -5.73 9.38 11.13
CA ILE A 24 -6.45 9.35 9.84
C ILE A 24 -7.87 9.89 10.03
N PHE A 25 -8.29 10.77 9.13
CA PHE A 25 -9.61 11.34 9.18
C PHE A 25 -10.26 11.36 7.80
N LYS A 26 -11.60 11.35 7.81
CA LYS A 26 -12.39 11.75 6.65
C LYS A 26 -12.77 13.22 6.80
N GLY A 27 -12.70 13.98 5.74
CA GLY A 27 -13.10 15.37 5.79
C GLY A 27 -13.43 15.90 4.40
N VAL A 28 -13.47 17.22 4.33
CA VAL A 28 -13.84 17.92 3.10
C VAL A 28 -12.82 19.00 2.87
N ARG A 29 -12.46 19.20 1.61
CA ARG A 29 -11.64 20.30 1.16
C ARG A 29 -12.53 21.24 0.33
N ARG A 30 -12.52 22.52 0.68
CA ARG A 30 -13.20 23.53 -0.15
C ARG A 30 -12.18 24.06 -1.14
N GLU A 31 -12.55 24.06 -2.42
CA GLU A 31 -11.59 24.44 -3.44
C GLU A 31 -12.29 25.04 -4.65
N VAL A 32 -11.53 25.83 -5.41
CA VAL A 32 -11.92 26.25 -6.74
C VAL A 32 -11.43 25.20 -7.74
N GLY A 33 -12.36 24.61 -8.50
CA GLY A 33 -12.05 23.57 -9.45
C GLY A 33 -12.14 24.00 -10.89
N ASP A 34 -12.29 23.02 -11.78
CA ASP A 34 -12.35 23.28 -13.22
C ASP A 34 -13.46 24.30 -13.53
N TYR A 35 -13.15 25.22 -14.42
CA TYR A 35 -14.10 26.24 -14.87
C TYR A 35 -14.42 27.22 -13.76
N GLY A 36 -13.63 27.23 -12.71
CA GLY A 36 -13.81 28.10 -11.58
C GLY A 36 -14.95 27.71 -10.63
N GLN A 37 -15.50 26.51 -10.77
CA GLN A 37 -16.58 26.06 -9.90
C GLN A 37 -16.06 25.84 -8.48
N LEU A 38 -16.83 26.28 -7.47
CA LEU A 38 -16.51 26.00 -6.08
C LEU A 38 -16.99 24.60 -5.69
N HIS A 39 -16.08 23.80 -5.14
CA HIS A 39 -16.38 22.41 -4.79
C HIS A 39 -16.07 22.18 -3.32
N GLU A 40 -16.80 21.23 -2.74
CA GLU A 40 -16.51 20.64 -1.42
C GLU A 40 -16.19 19.18 -1.69
N THR A 41 -14.89 18.87 -1.74
CA THR A 41 -14.41 17.56 -2.16
C THR A 41 -14.13 16.69 -0.92
N GLU A 42 -14.67 15.47 -0.91
CA GLU A 42 -14.33 14.54 0.17
C GLU A 42 -12.86 14.20 0.08
N VAL A 43 -12.18 14.16 1.22
CA VAL A 43 -10.76 13.90 1.30
C VAL A 43 -10.45 12.96 2.46
N LEU A 44 -9.39 12.22 2.30
CA LEU A 44 -8.76 11.41 3.34
C LEU A 44 -7.55 12.18 3.85
N LEU A 45 -7.53 12.46 5.17
CA LEU A 45 -6.51 13.30 5.76
C LEU A 45 -5.60 12.46 6.63
N LYS A 46 -4.30 12.53 6.39
CA LYS A 46 -3.33 11.81 7.22
C LYS A 46 -2.50 12.84 8.00
N VAL A 47 -2.54 12.76 9.33
CA VAL A 47 -2.00 13.81 10.18
C VAL A 47 -0.75 13.29 10.89
N LEU A 48 0.36 14.04 10.75
CA LEU A 48 1.62 13.73 11.43
C LEU A 48 1.95 14.85 12.43
N ASP A 49 2.45 14.45 13.59
CA ASP A 49 2.90 15.41 14.62
C ASP A 49 4.23 15.97 14.18
N LYS A 50 4.29 17.31 14.05
CA LYS A 50 5.55 17.91 13.62
C LYS A 50 6.69 17.68 14.61
N ALA A 51 6.39 17.36 15.85
CA ALA A 51 7.45 17.06 16.80
C ALA A 51 8.19 15.80 16.43
N HIS A 52 7.54 14.87 15.70
CA HIS A 52 8.24 13.69 15.18
C HIS A 52 8.84 14.09 13.84
N ARG A 53 9.89 14.90 13.90
CA ARG A 53 10.36 15.58 12.70
C ARG A 53 10.89 14.57 11.69
N ASN A 54 11.69 13.61 12.14
CA ASN A 54 12.26 12.62 11.22
C ASN A 54 11.17 11.82 10.52
N TYR A 55 10.17 11.37 11.28
CA TYR A 55 9.05 10.63 10.69
C TYR A 55 8.32 11.49 9.67
N SER A 56 8.00 12.73 10.04
CA SER A 56 7.24 13.61 9.15
C SER A 56 8.00 13.84 7.87
N GLU A 57 9.30 14.12 7.97
CA GLU A 57 10.03 14.41 6.75
C GLU A 57 10.08 13.17 5.83
N SER A 58 10.27 12.01 6.41
CA SER A 58 10.29 10.78 5.62
C SER A 58 8.94 10.55 4.96
N PHE A 59 7.89 10.68 5.74
CA PHE A 59 6.51 10.52 5.23
C PHE A 59 6.24 11.41 4.03
N PHE A 60 6.50 12.71 4.17
CA PHE A 60 6.10 13.63 3.12
C PHE A 60 7.05 13.61 1.94
N GLU A 61 8.32 13.34 2.18
CA GLU A 61 9.21 13.16 1.04
C GLU A 61 8.75 11.96 0.20
N ALA A 62 8.33 10.88 0.87
CA ALA A 62 7.90 9.69 0.14
C ALA A 62 6.62 9.98 -0.64
N ALA A 63 5.65 10.64 -0.01
CA ALA A 63 4.41 10.96 -0.71
C ALA A 63 4.67 11.90 -1.88
N SER A 64 5.58 12.86 -1.69
CA SER A 64 5.86 13.82 -2.75
C SER A 64 6.56 13.15 -3.92
N MET A 65 7.58 12.34 -3.65
CA MET A 65 8.29 11.71 -4.76
CA MET A 65 8.30 11.69 -4.75
C MET A 65 7.36 10.81 -5.56
N MET A 66 6.45 10.10 -4.89
CA MET A 66 5.56 9.24 -5.67
CA MET A 66 5.54 9.23 -5.65
C MET A 66 4.49 10.04 -6.39
N SER A 67 4.01 11.13 -5.78
CA SER A 67 3.01 11.95 -6.44
C SER A 67 3.59 12.72 -7.64
N LYS A 68 4.89 12.83 -7.76
CA LYS A 68 5.47 13.36 -9.00
C LYS A 68 5.30 12.41 -10.18
N LEU A 69 4.95 11.15 -9.94
CA LEU A 69 4.79 10.14 -10.96
C LEU A 69 3.29 9.83 -11.09
N SER A 70 2.59 10.63 -11.87
CA SER A 70 1.18 10.41 -12.04
C SER A 70 0.93 9.10 -12.79
N HIS A 71 -0.03 8.31 -12.29
CA HIS A 71 -0.34 7.01 -12.91
C HIS A 71 -1.74 6.61 -12.49
N LYS A 72 -2.47 5.92 -13.36
CA LYS A 72 -3.88 5.58 -13.09
C LYS A 72 -4.02 4.68 -11.84
N HIS A 73 -2.98 3.93 -11.52
CA HIS A 73 -3.05 3.01 -10.36
C HIS A 73 -2.28 3.54 -9.15
N LEU A 74 -1.93 4.81 -9.08
CA LEU A 74 -1.26 5.42 -7.92
C LEU A 74 -2.18 6.47 -7.34
N VAL A 75 -2.39 6.45 -6.02
CA VAL A 75 -3.33 7.36 -5.38
C VAL A 75 -3.01 8.80 -5.72
N LEU A 76 -4.06 9.58 -5.81
CA LEU A 76 -3.98 11.03 -5.96
C LEU A 76 -3.87 11.72 -4.61
N ASN A 77 -2.78 12.42 -4.41
CA ASN A 77 -2.67 13.34 -3.28
C ASN A 77 -2.92 14.76 -3.82
N TYR A 78 -3.84 15.48 -3.18
CA TYR A 78 -4.16 16.82 -3.64
C TYR A 78 -3.11 17.81 -3.20
N GLY A 79 -2.47 17.57 -2.07
CA GLY A 79 -1.54 18.53 -1.51
C GLY A 79 -1.39 18.31 -0.02
N VAL A 80 -0.85 19.34 0.65
CA VAL A 80 -0.46 19.24 2.05
C VAL A 80 -0.88 20.52 2.75
N CYS A 81 -1.20 20.38 4.03
CA CYS A 81 -1.43 21.52 4.91
C CYS A 81 -0.31 21.52 5.93
N PHE A 82 0.57 22.51 5.87
CA PHE A 82 1.53 22.76 6.95
C PHE A 82 0.71 23.45 8.02
N CYS A 83 0.12 22.64 8.88
CA CYS A 83 -1.06 23.00 9.66
C CYS A 83 -0.70 23.21 11.13
N GLY A 84 0.18 24.19 11.39
CA GLY A 84 0.57 24.50 12.75
C GLY A 84 1.57 23.52 13.33
N ASP A 85 1.18 22.82 14.38
CA ASP A 85 2.03 21.79 14.98
C ASP A 85 1.88 20.44 14.27
N GLU A 86 1.12 20.38 13.18
CA GLU A 86 0.91 19.12 12.45
C GLU A 86 1.10 19.39 10.97
N ASN A 87 1.55 18.37 10.24
CA ASN A 87 1.59 18.42 8.78
C ASN A 87 0.58 17.37 8.32
N ILE A 88 -0.23 17.74 7.35
CA ILE A 88 -1.39 16.92 6.95
C ILE A 88 -1.32 16.65 5.45
N LEU A 89 -1.34 15.35 5.09
CA LEU A 89 -1.50 14.95 3.70
C LEU A 89 -2.99 14.93 3.37
N VAL A 90 -3.34 15.61 2.26
CA VAL A 90 -4.69 15.67 1.77
C VAL A 90 -4.79 14.76 0.56
N GLN A 91 -5.45 13.61 0.75
CA GLN A 91 -5.54 12.58 -0.26
C GLN A 91 -6.96 12.41 -0.78
N GLU A 92 -7.11 11.91 -2.02
CA GLU A 92 -8.43 11.61 -2.48
C GLU A 92 -9.07 10.60 -1.54
N PHE A 93 -10.38 10.72 -1.40
CA PHE A 93 -11.17 9.75 -0.60
C PHE A 93 -11.64 8.66 -1.55
N VAL A 94 -11.15 7.43 -1.32
CA VAL A 94 -11.46 6.31 -2.22
C VAL A 94 -12.70 5.61 -1.68
N LYS A 95 -13.70 5.44 -2.55
CA LYS A 95 -15.05 5.09 -2.09
C LYS A 95 -15.10 3.79 -1.29
N PHE A 96 -14.41 2.75 -1.76
CA PHE A 96 -14.55 1.45 -1.07
C PHE A 96 -13.38 1.14 -0.14
N GLY A 97 -12.39 2.01 -0.04
CA GLY A 97 -11.37 1.89 0.97
C GLY A 97 -10.39 0.75 0.71
N SER A 98 -9.72 0.38 1.81
CA SER A 98 -8.70 -0.67 1.81
C SER A 98 -9.25 -2.01 1.37
N LEU A 99 -8.44 -2.70 0.56
CA LEU A 99 -8.87 -3.99 0.02
C LEU A 99 -8.98 -5.08 1.08
N ASP A 100 -8.13 -5.11 2.09
CA ASP A 100 -8.28 -6.17 3.09
C ASP A 100 -9.61 -6.05 3.80
N THR A 101 -9.98 -4.84 4.20
CA THR A 101 -11.29 -4.66 4.85
C THR A 101 -12.42 -4.99 3.93
N TYR A 102 -12.33 -4.58 2.66
CA TYR A 102 -13.34 -4.89 1.67
C TYR A 102 -13.56 -6.39 1.53
N LEU A 103 -12.48 -7.16 1.45
CA LEU A 103 -12.62 -8.60 1.28
C LEU A 103 -13.25 -9.23 2.49
N LYS A 104 -12.88 -8.76 3.68
CA LYS A 104 -13.57 -9.25 4.91
C LYS A 104 -15.04 -8.87 4.90
N LYS A 105 -15.36 -7.64 4.58
CA LYS A 105 -16.77 -7.23 4.60
C LYS A 105 -17.61 -7.98 3.57
N ASN A 106 -17.01 -8.43 2.49
CA ASN A 106 -17.68 -9.25 1.52
C ASN A 106 -17.49 -10.74 1.76
N LYS A 107 -16.92 -11.11 2.90
CA LYS A 107 -16.82 -12.48 3.35
C LYS A 107 -16.13 -13.34 2.33
N ASN A 108 -15.17 -12.74 1.61
CA ASN A 108 -14.39 -13.49 0.62
C ASN A 108 -15.25 -14.15 -0.45
N CYS A 109 -16.39 -13.55 -0.75
CA CYS A 109 -17.29 -14.03 -1.81
C CYS A 109 -16.93 -13.32 -3.10
N ILE A 110 -15.72 -13.66 -3.54
CA ILE A 110 -15.03 -12.96 -4.61
C ILE A 110 -14.35 -14.06 -5.40
N ASN A 111 -14.49 -14.06 -6.70
CA ASN A 111 -13.93 -15.17 -7.47
C ASN A 111 -12.46 -14.95 -7.82
N ILE A 112 -11.82 -16.02 -8.25
CA ILE A 112 -10.37 -15.94 -8.49
C ILE A 112 -10.06 -14.97 -9.61
N LEU A 113 -10.96 -14.80 -10.59
CA LEU A 113 -10.70 -13.90 -11.69
C LEU A 113 -10.72 -12.44 -11.24
N TRP A 114 -11.56 -12.10 -10.26
CA TRP A 114 -11.51 -10.77 -9.65
C TRP A 114 -10.18 -10.54 -8.98
N LYS A 115 -9.73 -11.52 -8.22
CA LYS A 115 -8.44 -11.42 -7.54
C LYS A 115 -7.29 -11.28 -8.52
N LEU A 116 -7.33 -12.06 -9.61
CA LEU A 116 -6.33 -11.96 -10.67
C LEU A 116 -6.31 -10.57 -11.30
N GLU A 117 -7.46 -9.98 -11.55
CA GLU A 117 -7.50 -8.64 -12.10
C GLU A 117 -6.86 -7.63 -11.17
N VAL A 118 -7.18 -7.68 -9.89
CA VAL A 118 -6.56 -6.77 -8.94
C VAL A 118 -5.04 -7.00 -8.87
N ALA A 119 -4.59 -8.26 -8.92
CA ALA A 119 -3.15 -8.52 -8.89
C ALA A 119 -2.46 -7.93 -10.11
N LYS A 120 -3.09 -8.06 -11.28
CA LYS A 120 -2.54 -7.48 -12.51
C LYS A 120 -2.41 -5.96 -12.42
N GLN A 121 -3.41 -5.30 -11.84
CA GLN A 121 -3.39 -3.85 -11.70
C GLN A 121 -2.30 -3.44 -10.72
N LEU A 122 -2.18 -4.13 -9.59
CA LEU A 122 -1.07 -3.81 -8.69
C LEU A 122 0.25 -4.04 -9.37
N ALA A 123 0.40 -5.16 -10.09
CA ALA A 123 1.67 -5.43 -10.80
C ALA A 123 1.97 -4.34 -11.82
N ALA A 124 0.95 -3.83 -12.49
CA ALA A 124 1.16 -2.72 -13.42
C ALA A 124 1.65 -1.47 -12.74
N ALA A 125 1.09 -1.12 -11.57
CA ALA A 125 1.63 -0.03 -10.80
C ALA A 125 3.08 -0.27 -10.39
N MET A 126 3.38 -1.48 -9.93
CA MET A 126 4.73 -1.77 -9.44
C MET A 126 5.75 -1.79 -10.58
N HIS A 127 5.32 -2.20 -11.77
CA HIS A 127 6.23 -2.13 -12.92
C HIS A 127 6.55 -0.69 -13.28
N PHE A 128 5.54 0.18 -13.26
CA PHE A 128 5.77 1.59 -13.46
C PHE A 128 6.75 2.15 -12.43
N LEU A 129 6.55 1.82 -11.13
CA LEU A 129 7.51 2.26 -10.10
C LEU A 129 8.91 1.70 -10.36
N GLU A 130 9.00 0.42 -10.74
CA GLU A 130 10.30 -0.21 -11.03
C GLU A 130 11.01 0.52 -12.17
N GLU A 131 10.29 0.83 -13.24
CA GLU A 131 10.89 1.55 -14.38
C GLU A 131 11.37 2.92 -13.95
N ASN A 132 10.76 3.52 -12.93
CA ASN A 132 11.13 4.81 -12.40
C ASN A 132 12.12 4.71 -11.24
N THR A 133 12.60 3.50 -10.95
CA THR A 133 13.45 3.17 -9.82
C THR A 133 12.99 3.82 -8.53
N LEU A 134 11.67 3.75 -8.25
CA LEU A 134 11.14 4.34 -7.04
C LEU A 134 10.67 3.20 -6.13
N ILE A 135 11.26 3.10 -4.96
CA ILE A 135 10.95 2.08 -3.97
C ILE A 135 9.73 2.57 -3.20
N HIS A 136 8.72 1.73 -3.09
CA HIS A 136 7.55 2.06 -2.27
C HIS A 136 7.79 1.73 -0.80
N GLY A 137 8.07 0.46 -0.49
CA GLY A 137 8.47 0.03 0.80
C GLY A 137 7.35 -0.28 1.78
N ASN A 138 6.07 -0.15 1.39
CA ASN A 138 4.96 -0.48 2.28
C ASN A 138 3.81 -1.02 1.42
N VAL A 139 4.11 -1.97 0.55
CA VAL A 139 3.08 -2.67 -0.21
C VAL A 139 2.39 -3.70 0.69
N CYS A 140 1.07 -3.58 0.81
CA CYS A 140 0.26 -4.48 1.60
C CYS A 140 -1.19 -4.27 1.16
N ALA A 141 -2.06 -5.20 1.51
CA ALA A 141 -3.44 -5.13 1.04
C ALA A 141 -4.18 -3.94 1.64
N LYS A 142 -3.81 -3.47 2.82
CA LYS A 142 -4.45 -2.28 3.38
C LYS A 142 -4.17 -1.05 2.53
N ASN A 143 -3.04 -1.07 1.79
CA ASN A 143 -2.66 0.06 0.94
C ASN A 143 -3.10 -0.14 -0.49
N ILE A 144 -3.92 -1.15 -0.76
CA ILE A 144 -4.60 -1.28 -2.04
CA ILE A 144 -4.60 -1.27 -2.04
C ILE A 144 -5.98 -0.69 -1.84
N LEU A 145 -6.31 0.34 -2.59
CA LEU A 145 -7.52 1.14 -2.40
C LEU A 145 -8.48 0.84 -3.54
N LEU A 146 -9.70 0.42 -3.21
CA LEU A 146 -10.69 0.04 -4.24
C LEU A 146 -11.53 1.25 -4.66
N ILE A 147 -11.28 1.70 -5.90
CA ILE A 147 -11.97 2.87 -6.44
C ILE A 147 -13.37 2.50 -6.84
N ARG A 148 -13.52 1.33 -7.47
CA ARG A 148 -14.77 0.91 -8.08
C ARG A 148 -14.90 -0.60 -7.93
N GLU A 149 -16.11 -1.06 -7.60
CA GLU A 149 -16.43 -2.46 -7.65
C GLU A 149 -16.56 -2.97 -9.08
N GLU A 150 -16.53 -4.30 -9.21
CA GLU A 150 -16.85 -4.89 -10.51
C GLU A 150 -18.29 -4.57 -10.89
N ASP A 151 -18.53 -4.40 -12.18
CA ASP A 151 -19.90 -4.24 -12.74
C ASP A 151 -20.12 -5.36 -13.75
N ARG A 152 -20.87 -6.37 -13.34
CA ARG A 152 -21.06 -7.54 -14.21
C ARG A 152 -21.80 -7.20 -15.50
N LYS A 153 -22.66 -6.19 -15.49
CA LYS A 153 -23.44 -5.87 -16.68
C LYS A 153 -22.55 -5.35 -17.80
N THR A 154 -21.64 -4.42 -17.48
CA THR A 154 -20.71 -3.91 -18.48
C THR A 154 -19.47 -4.78 -18.65
N GLY A 155 -19.19 -5.66 -17.71
CA GLY A 155 -17.93 -6.38 -17.71
C GLY A 155 -16.76 -5.56 -17.18
N ASN A 156 -17.01 -4.42 -16.59
CA ASN A 156 -15.92 -3.61 -16.03
C ASN A 156 -15.36 -4.31 -14.79
N PRO A 157 -14.06 -4.45 -14.67
CA PRO A 157 -13.50 -5.11 -13.49
C PRO A 157 -13.44 -4.14 -12.32
N PRO A 158 -13.19 -4.64 -11.13
CA PRO A 158 -12.77 -3.73 -10.04
C PRO A 158 -11.60 -2.86 -10.52
N PHE A 159 -11.36 -1.74 -9.85
CA PHE A 159 -10.26 -0.85 -10.19
C PHE A 159 -9.62 -0.38 -8.88
N ILE A 160 -8.30 -0.55 -8.78
CA ILE A 160 -7.54 -0.23 -7.58
C ILE A 160 -6.51 0.86 -7.82
N LYS A 161 -6.07 1.45 -6.71
CA LYS A 161 -4.85 2.22 -6.66
C LYS A 161 -4.01 1.81 -5.46
N LEU A 162 -2.75 2.07 -5.55
CA LEU A 162 -1.77 1.86 -4.50
C LEU A 162 -1.56 3.16 -3.72
N SER A 163 -1.63 3.06 -2.40
CA SER A 163 -1.56 4.21 -1.51
C SER A 163 -0.15 4.77 -1.38
N ASP A 164 -0.03 5.87 -0.66
CA ASP A 164 1.26 6.51 -0.45
C ASP A 164 2.17 5.66 0.41
N PRO A 165 3.50 5.92 0.37
CA PRO A 165 4.42 4.96 1.00
C PRO A 165 4.51 5.05 2.52
N GLY A 166 4.12 6.16 3.11
CA GLY A 166 4.28 6.32 4.57
C GLY A 166 5.75 6.54 4.95
N ILE A 167 5.97 6.40 6.28
CA ILE A 167 7.34 6.55 6.78
C ILE A 167 8.20 5.39 6.31
N SER A 168 9.45 5.70 5.90
CA SER A 168 10.35 4.69 5.38
C SER A 168 10.78 3.71 6.44
N ILE A 169 10.94 2.43 6.06
CA ILE A 169 11.42 1.46 7.04
CA ILE A 169 11.42 1.46 7.04
C ILE A 169 12.87 1.70 7.41
N THR A 170 13.57 2.56 6.68
CA THR A 170 14.92 2.96 7.04
C THR A 170 14.92 3.91 8.23
N VAL A 171 13.75 4.43 8.61
CA VAL A 171 13.60 5.38 9.70
C VAL A 171 12.80 4.82 10.87
N LEU A 172 11.98 3.80 10.66
CA LEU A 172 11.10 3.28 11.66
C LEU A 172 11.84 2.44 12.70
N PRO A 173 11.26 2.32 13.90
CA PRO A 173 11.87 1.48 14.92
C PRO A 173 11.86 0.00 14.54
N LYS A 174 12.90 -0.71 14.97
CA LYS A 174 13.01 -2.13 14.64
C LYS A 174 11.78 -2.91 15.05
N ASP A 175 11.19 -2.56 16.20
CA ASP A 175 10.02 -3.30 16.67
CA ASP A 175 10.01 -3.27 16.67
C ASP A 175 8.85 -3.15 15.70
N ILE A 176 8.75 -2.00 15.03
CA ILE A 176 7.70 -1.83 14.02
C ILE A 176 8.00 -2.69 12.79
N LEU A 177 9.26 -2.72 12.34
CA LEU A 177 9.60 -3.62 11.24
C LEU A 177 9.29 -5.07 11.55
N GLN A 178 9.56 -5.52 12.79
CA GLN A 178 9.30 -6.91 13.10
C GLN A 178 7.81 -7.22 13.11
N GLU A 179 7.01 -6.28 13.66
CA GLU A 179 5.57 -6.40 13.59
C GLU A 179 5.09 -6.50 12.15
N ARG A 180 5.81 -5.86 11.25
CA ARG A 180 5.46 -5.88 9.82
C ARG A 180 6.03 -7.08 9.07
N ILE A 181 6.68 -8.03 9.75
CA ILE A 181 6.89 -9.35 9.12
C ILE A 181 5.53 -10.00 8.89
N PRO A 182 5.25 -10.62 7.73
CA PRO A 182 6.15 -10.97 6.59
C PRO A 182 5.99 -10.02 5.39
N TRP A 183 5.63 -8.73 5.61
CA TRP A 183 5.67 -7.74 4.52
C TRP A 183 7.07 -7.18 4.36
N VAL A 184 7.74 -6.87 5.49
CA VAL A 184 9.13 -6.41 5.43
C VAL A 184 9.99 -7.64 5.19
N PRO A 185 10.83 -7.62 4.16
CA PRO A 185 11.59 -8.83 3.78
C PRO A 185 12.73 -9.14 4.71
N PRO A 186 13.21 -10.38 4.68
CA PRO A 186 14.24 -10.78 5.67
C PRO A 186 15.47 -9.91 5.64
N GLU A 187 15.92 -9.45 4.47
CA GLU A 187 17.14 -8.65 4.40
C GLU A 187 16.99 -7.31 5.11
N CYS A 188 15.77 -6.76 5.20
CA CYS A 188 15.55 -5.53 5.89
C CYS A 188 15.35 -5.75 7.39
N ILE A 189 14.95 -6.92 7.81
CA ILE A 189 15.04 -7.31 9.22
C ILE A 189 16.50 -7.40 9.63
N GLU A 190 17.34 -7.99 8.78
CA GLU A 190 18.79 -8.03 9.06
C GLU A 190 19.38 -6.63 9.17
N ASN A 191 19.11 -5.79 8.20
CA ASN A 191 19.59 -4.42 8.15
C ASN A 191 18.63 -3.57 7.35
N PRO A 192 17.99 -2.56 7.94
CA PRO A 192 17.05 -1.73 7.15
C PRO A 192 17.69 -1.02 5.98
N LYS A 193 19.03 -0.88 5.94
CA LYS A 193 19.68 -0.23 4.82
C LYS A 193 19.64 -1.10 3.55
N ASN A 194 19.26 -2.35 3.69
CA ASN A 194 19.08 -3.27 2.55
C ASN A 194 17.80 -2.95 1.78
N LEU A 195 17.04 -1.95 2.19
CA LEU A 195 15.89 -1.50 1.38
C LEU A 195 16.32 -1.31 -0.07
N ASN A 196 15.53 -1.89 -0.99
CA ASN A 196 15.89 -1.93 -2.40
C ASN A 196 14.60 -2.15 -3.17
N LEU A 197 14.65 -1.96 -4.49
CA LEU A 197 13.49 -2.35 -5.31
C LEU A 197 13.08 -3.79 -5.03
N ALA A 198 14.04 -4.66 -4.71
CA ALA A 198 13.71 -6.03 -4.43
C ALA A 198 12.77 -6.16 -3.26
N THR A 199 12.80 -5.19 -2.31
CA THR A 199 11.89 -5.25 -1.17
C THR A 199 10.46 -5.33 -1.64
N ASP A 200 10.13 -4.53 -2.65
CA ASP A 200 8.72 -4.47 -3.10
C ASP A 200 8.25 -5.73 -3.78
N LYS A 201 9.17 -6.49 -4.37
CA LYS A 201 8.78 -7.78 -4.93
C LYS A 201 8.36 -8.75 -3.85
N TRP A 202 9.11 -8.81 -2.75
CA TRP A 202 8.74 -9.63 -1.61
C TRP A 202 7.36 -9.22 -1.08
N SER A 203 7.17 -7.93 -0.80
CA SER A 203 5.94 -7.46 -0.18
C SER A 203 4.77 -7.65 -1.14
N PHE A 204 5.03 -7.54 -2.45
CA PHE A 204 3.99 -7.85 -3.41
C PHE A 204 3.52 -9.29 -3.25
N GLY A 205 4.46 -10.24 -3.05
CA GLY A 205 4.05 -11.61 -2.77
C GLY A 205 3.16 -11.72 -1.52
N THR A 206 3.55 -11.04 -0.44
CA THR A 206 2.75 -11.09 0.78
C THR A 206 1.35 -10.51 0.54
N THR A 207 1.31 -9.45 -0.25
CA THR A 207 0.03 -8.82 -0.60
C THR A 207 -0.85 -9.73 -1.41
N LEU A 208 -0.28 -10.44 -2.39
CA LEU A 208 -1.07 -11.41 -3.15
C LEU A 208 -1.59 -12.51 -2.22
N TRP A 209 -0.79 -12.90 -1.23
CA TRP A 209 -1.30 -13.90 -0.27
C TRP A 209 -2.53 -13.35 0.45
N GLU A 210 -2.45 -12.08 0.87
CA GLU A 210 -3.60 -11.46 1.57
C GLU A 210 -4.83 -11.45 0.66
N ILE A 211 -4.64 -11.09 -0.60
CA ILE A 211 -5.79 -11.00 -1.53
C ILE A 211 -6.41 -12.36 -1.71
N CYS A 212 -5.58 -13.40 -1.77
CA CYS A 212 -6.03 -14.77 -1.99
C CYS A 212 -6.58 -15.38 -0.73
N SER A 213 -6.37 -14.76 0.42
CA SER A 213 -6.80 -15.27 1.71
C SER A 213 -7.97 -14.45 2.28
N GLY A 214 -8.67 -13.71 1.42
CA GLY A 214 -9.84 -12.94 1.86
C GLY A 214 -9.57 -11.87 2.88
N GLY A 215 -8.36 -11.28 2.91
CA GLY A 215 -8.06 -10.26 3.90
C GLY A 215 -7.57 -10.78 5.23
N ASP A 216 -7.28 -12.06 5.33
CA ASP A 216 -6.56 -12.56 6.49
C ASP A 216 -5.16 -11.98 6.51
N LYS A 217 -4.56 -11.92 7.70
CA LYS A 217 -3.22 -11.46 7.87
C LYS A 217 -2.30 -12.66 8.03
N PRO A 218 -1.32 -12.86 7.18
CA PRO A 218 -0.42 -14.01 7.37
C PRO A 218 0.35 -13.87 8.66
N LEU A 219 0.53 -15.03 9.32
CA LEU A 219 1.33 -15.13 10.55
C LEU A 219 0.72 -14.36 11.73
N SER A 220 -0.59 -14.07 11.64
CA SER A 220 -1.23 -13.29 12.68
C SER A 220 -1.13 -13.98 14.04
N ALA A 221 -1.00 -15.30 14.07
CA ALA A 221 -0.89 -16.04 15.34
C ALA A 221 0.50 -15.95 15.97
N LEU A 222 1.48 -15.42 15.25
CA LEU A 222 2.86 -15.34 15.69
C LEU A 222 3.13 -13.97 16.27
N ASP A 223 3.70 -13.91 17.47
CA ASP A 223 4.23 -12.66 17.99
CA ASP A 223 4.23 -12.65 17.98
C ASP A 223 5.55 -12.36 17.28
N SER A 224 6.16 -11.21 17.62
CA SER A 224 7.33 -10.79 16.90
C SER A 224 8.48 -11.79 17.03
N GLN A 225 8.57 -12.49 18.15
CA GLN A 225 9.65 -13.45 18.32
C GLN A 225 9.44 -14.67 17.45
N ARG A 226 8.20 -15.15 17.35
CA ARG A 226 7.94 -16.28 16.47
C ARG A 226 8.14 -15.86 15.01
N LYS A 227 7.85 -14.60 14.69
CA LYS A 227 8.05 -14.09 13.32
C LYS A 227 9.53 -14.03 12.96
N LEU A 228 10.40 -13.70 13.93
CA LEU A 228 11.84 -13.81 13.69
C LEU A 228 12.26 -15.26 13.44
N GLN A 229 11.76 -16.18 14.25
CA GLN A 229 12.09 -17.60 14.03
C GLN A 229 11.57 -18.07 12.68
N PHE A 230 10.46 -17.52 12.24
CA PHE A 230 9.93 -17.85 10.92
C PHE A 230 10.98 -17.59 9.84
N TYR A 231 11.60 -16.42 9.88
CA TYR A 231 12.64 -16.05 8.93
C TYR A 231 13.95 -16.81 9.20
N GLU A 232 14.24 -17.11 10.46
CA GLU A 232 15.48 -17.85 10.76
C GLU A 232 15.45 -19.24 10.18
N ASP A 233 14.33 -19.93 10.29
CA ASP A 233 14.13 -21.26 9.73
C ASP A 233 13.74 -21.23 8.27
N ARG A 234 13.70 -20.02 7.67
CA ARG A 234 13.50 -19.85 6.22
C ARG A 234 12.19 -20.47 5.75
N HIS A 235 11.12 -20.26 6.52
CA HIS A 235 9.86 -20.82 6.14
C HIS A 235 9.19 -19.93 5.09
N GLN A 236 8.35 -20.55 4.28
CA GLN A 236 7.50 -19.82 3.35
C GLN A 236 6.08 -19.80 3.91
N LEU A 237 5.26 -18.91 3.38
CA LEU A 237 3.89 -18.88 3.84
C LEU A 237 3.18 -20.12 3.33
N PRO A 238 2.13 -20.56 4.01
CA PRO A 238 1.29 -21.61 3.46
C PRO A 238 0.58 -21.17 2.22
N ALA A 239 0.27 -22.08 1.35
CA ALA A 239 -0.47 -21.76 0.16
C ALA A 239 -1.81 -21.18 0.59
N PRO A 240 -2.24 -20.07 0.01
CA PRO A 240 -3.51 -19.48 0.44
C PRO A 240 -4.68 -20.35 0.02
N LYS A 241 -5.83 -20.04 0.63
CA LYS A 241 -7.06 -20.79 0.36
C LYS A 241 -7.32 -20.91 -1.13
N ALA A 242 -7.31 -19.79 -1.84
CA ALA A 242 -7.32 -19.82 -3.31
C ALA A 242 -5.86 -20.01 -3.71
N ALA A 243 -5.52 -21.22 -4.13
CA ALA A 243 -4.11 -21.55 -4.35
C ALA A 243 -3.58 -21.22 -5.74
N GLU A 244 -4.37 -20.64 -6.64
CA GLU A 244 -3.92 -20.43 -8.02
C GLU A 244 -2.65 -19.56 -8.10
N LEU A 245 -2.43 -18.67 -7.13
CA LEU A 245 -1.29 -17.77 -7.17
C LEU A 245 -0.18 -18.19 -6.21
N ALA A 246 -0.28 -19.37 -5.61
CA ALA A 246 0.68 -19.82 -4.61
C ALA A 246 2.12 -19.90 -5.15
N ASN A 247 2.27 -20.38 -6.36
CA ASN A 247 3.61 -20.44 -6.96
C ASN A 247 4.18 -19.05 -7.15
N LEU A 248 3.36 -18.10 -7.62
CA LEU A 248 3.83 -16.74 -7.81
C LEU A 248 4.24 -16.10 -6.48
N ILE A 249 3.39 -16.29 -5.48
CA ILE A 249 3.68 -15.79 -4.14
C ILE A 249 5.06 -16.27 -3.69
N ASN A 250 5.27 -17.60 -3.79
CA ASN A 250 6.55 -18.15 -3.32
C ASN A 250 7.72 -17.66 -4.18
N ASN A 251 7.53 -17.49 -5.50
CA ASN A 251 8.60 -16.98 -6.35
C ASN A 251 8.95 -15.54 -6.04
N CYS A 252 7.97 -14.71 -5.66
CA CYS A 252 8.26 -13.36 -5.23
C CYS A 252 8.87 -13.27 -3.84
N MET A 253 8.44 -14.11 -2.90
CA MET A 253 8.98 -14.15 -1.54
C MET A 253 10.21 -15.08 -1.53
N ASP A 254 11.16 -14.70 -2.36
CA ASP A 254 12.44 -15.42 -2.43
C ASP A 254 13.37 -14.84 -1.38
N TYR A 255 13.92 -15.73 -0.53
CA TYR A 255 14.90 -15.25 0.44
C TYR A 255 16.13 -14.62 -0.19
N GLU A 256 16.42 -14.90 -1.47
CA GLU A 256 17.51 -14.23 -2.13
C GLU A 256 16.98 -13.01 -2.89
N PRO A 257 17.23 -11.79 -2.44
CA PRO A 257 16.60 -10.64 -3.09
C PRO A 257 16.89 -10.53 -4.56
N ASP A 258 18.11 -10.89 -4.98
CA ASP A 258 18.44 -10.72 -6.39
C ASP A 258 17.72 -11.70 -7.31
N HIS A 259 17.12 -12.73 -6.77
CA HIS A 259 16.42 -13.74 -7.57
C HIS A 259 14.93 -13.40 -7.74
N ARG A 260 14.43 -12.40 -7.00
CA ARG A 260 13.03 -12.11 -7.16
C ARG A 260 12.79 -11.60 -8.58
N PRO A 261 11.71 -12.05 -9.23
CA PRO A 261 11.47 -11.69 -10.64
C PRO A 261 11.10 -10.25 -10.85
N SER A 262 11.43 -9.72 -12.04
CA SER A 262 10.99 -8.40 -12.40
C SER A 262 9.48 -8.32 -12.49
N PHE A 263 8.92 -7.10 -12.32
CA PHE A 263 7.49 -6.94 -12.48
C PHE A 263 7.00 -7.20 -13.89
N ARG A 264 7.84 -6.98 -14.91
CA ARG A 264 7.48 -7.43 -16.26
C ARG A 264 7.30 -8.94 -16.31
N ALA A 265 8.20 -9.67 -15.66
CA ALA A 265 8.04 -11.12 -15.59
C ALA A 265 6.81 -11.52 -14.81
N ILE A 266 6.57 -10.84 -13.67
CA ILE A 266 5.39 -11.14 -12.87
C ILE A 266 4.13 -10.92 -13.69
N ILE A 267 4.08 -9.85 -14.45
CA ILE A 267 2.91 -9.57 -15.27
C ILE A 267 2.72 -10.67 -16.31
N ARG A 268 3.81 -11.10 -16.95
CA ARG A 268 3.66 -12.17 -17.94
C ARG A 268 3.15 -13.44 -17.28
N ASP A 269 3.60 -13.74 -16.07
CA ASP A 269 3.12 -14.89 -15.35
C ASP A 269 1.64 -14.76 -15.04
N LEU A 270 1.21 -13.61 -14.51
CA LEU A 270 -0.20 -13.39 -14.25
C LEU A 270 -1.04 -13.55 -15.52
N ASN A 271 -0.55 -13.00 -16.64
CA ASN A 271 -1.30 -13.06 -17.90
C ASN A 271 -1.39 -14.49 -18.40
N SER A 272 -0.48 -15.37 -17.98
CA SER A 272 -0.46 -16.75 -18.48
C SER A 272 -1.36 -17.67 -17.70
N LEU A 273 -1.89 -17.26 -16.55
CA LEU A 273 -2.77 -18.13 -15.79
C LEU A 273 -4.11 -18.25 -16.51
N PHE A 274 -4.62 -19.48 -16.57
CA PHE A 274 -5.84 -19.79 -17.31
C PHE A 274 -5.62 -19.60 -18.82
N THR A 275 -4.47 -20.10 -19.31
CA THR A 275 -4.12 -20.02 -20.72
C THR A 275 -4.31 -18.60 -21.26
#